data_2O6S
#
_entry.id   2O6S
#
_cell.length_a   30.657
_cell.length_b   50.027
_cell.length_c   69.642
_cell.angle_alpha   69.21
_cell.angle_beta   76.99
_cell.angle_gamma   86.12
#
_symmetry.space_group_name_H-M   'P 1'
#
loop_
_entity.id
_entity.type
_entity.pdbx_description
1 polymer 'Variable lymphocyte receptor B'
2 water water
#
_entity_poly.entity_id   1
_entity_poly.type   'polypeptide(L)'
_entity_poly.pdbx_seq_one_letter_code
;CPSRCSCSGTTVECYSQGRTSVPTGIPAQTTYLDLETNSLKSLPNGVFDELTSLTQLYLGGNKLQSLPNGVFNKLTSLTY
LNLSTNQLQSLPNGVFDKLTQLKELALNTNQLQSLPDGVFDKLTQLKDLRLYQNQLKSVPDGVFDRLTSLQYIWLHDNPW
DCTCPGIRYLSEWINKHSGVVRNSAGSVAPDSAKCSGSGKPVRSIICP
;
_entity_poly.pdbx_strand_id   A,B
#
# COMPACT_ATOMS: atom_id res chain seq x y z
N CYS A 1 31.28 9.73 -0.70
CA CYS A 1 30.06 9.85 -1.53
C CYS A 1 30.07 8.84 -2.69
N PRO A 2 28.90 8.44 -3.21
CA PRO A 2 28.84 7.46 -4.31
C PRO A 2 29.77 7.71 -5.48
N SER A 3 30.44 6.65 -5.94
CA SER A 3 31.36 6.79 -7.06
C SER A 3 30.61 7.34 -8.27
N ARG A 4 31.25 8.28 -8.95
CA ARG A 4 30.72 8.93 -10.15
C ARG A 4 29.73 10.06 -9.85
N CYS A 5 29.13 10.06 -8.66
CA CYS A 5 28.19 11.15 -8.34
C CYS A 5 28.96 12.40 -7.92
N SER A 6 28.23 13.51 -7.84
CA SER A 6 28.78 14.79 -7.43
C SER A 6 28.13 15.17 -6.11
N CYS A 7 28.94 15.44 -5.10
CA CYS A 7 28.42 15.80 -3.78
C CYS A 7 28.96 17.11 -3.24
N SER A 8 28.07 17.86 -2.60
CA SER A 8 28.39 19.14 -1.99
C SER A 8 27.40 19.29 -0.85
N GLY A 9 27.87 19.68 0.33
CA GLY A 9 26.99 19.83 1.46
C GLY A 9 26.16 18.57 1.68
N THR A 10 24.84 18.70 1.63
CA THR A 10 23.97 17.56 1.81
C THR A 10 23.26 17.24 0.49
N THR A 11 23.91 17.61 -0.60
CA THR A 11 23.38 17.39 -1.94
C THR A 11 24.15 16.28 -2.67
N VAL A 12 23.41 15.36 -3.29
CA VAL A 12 24.00 14.24 -4.02
C VAL A 12 23.35 14.19 -5.40
N GLU A 13 24.15 14.34 -6.45
CA GLU A 13 23.65 14.31 -7.82
C GLU A 13 24.27 13.16 -8.59
N CYS A 14 23.43 12.33 -9.21
CA CYS A 14 23.91 11.17 -9.96
C CYS A 14 23.10 10.97 -11.23
N TYR A 15 22.68 12.07 -11.86
CA TYR A 15 21.85 11.99 -13.07
C TYR A 15 22.59 11.65 -14.36
N SER A 16 21.84 11.11 -15.32
CA SER A 16 22.35 10.75 -16.64
C SER A 16 23.55 9.82 -16.63
N GLN A 17 23.52 8.77 -15.83
CA GLN A 17 24.66 7.86 -15.74
C GLN A 17 24.32 6.39 -15.97
N GLY A 18 23.24 6.16 -16.70
CA GLY A 18 22.80 4.81 -17.04
C GLY A 18 22.66 3.84 -15.87
N ARG A 19 22.43 4.37 -14.68
CA ARG A 19 22.29 3.55 -13.48
C ARG A 19 21.01 2.71 -13.47
N THR A 20 21.14 1.47 -13.01
CA THR A 20 20.00 0.56 -12.94
C THR A 20 19.60 0.29 -11.49
N SER A 21 20.34 0.87 -10.56
CA SER A 21 20.04 0.69 -9.15
C SER A 21 20.39 1.96 -8.40
N VAL A 22 19.84 2.10 -7.20
CA VAL A 22 20.13 3.26 -6.36
C VAL A 22 21.55 3.01 -5.88
N PRO A 23 22.45 3.99 -6.05
CA PRO A 23 23.83 3.76 -5.59
C PRO A 23 23.97 3.57 -4.09
N THR A 24 24.98 2.80 -3.71
CA THR A 24 25.26 2.59 -2.30
C THR A 24 26.06 3.80 -1.85
N GLY A 25 26.16 4.01 -0.55
CA GLY A 25 26.97 5.10 -0.05
C GLY A 25 26.38 6.50 -0.04
N ILE A 26 25.06 6.62 -0.16
CA ILE A 26 24.45 7.94 -0.10
C ILE A 26 24.42 8.31 1.39
N PRO A 27 25.07 9.42 1.76
CA PRO A 27 25.09 9.83 3.16
C PRO A 27 23.71 9.95 3.79
N ALA A 28 23.59 9.49 5.03
CA ALA A 28 22.32 9.54 5.75
C ALA A 28 21.80 10.96 5.94
N GLN A 29 22.71 11.94 5.91
CA GLN A 29 22.33 13.34 6.09
C GLN A 29 21.83 14.03 4.82
N THR A 30 21.85 13.31 3.70
CA THR A 30 21.44 13.86 2.41
C THR A 30 20.03 14.44 2.42
N THR A 31 19.91 15.65 1.89
CA THR A 31 18.61 16.33 1.83
C THR A 31 18.10 16.44 0.41
N TYR A 32 19.01 16.36 -0.55
CA TYR A 32 18.68 16.50 -1.97
C TYR A 32 19.36 15.36 -2.73
N LEU A 33 18.55 14.48 -3.33
CA LEU A 33 19.09 13.34 -4.08
C LEU A 33 18.51 13.36 -5.48
N ASP A 34 19.40 13.44 -6.47
CA ASP A 34 19.01 13.49 -7.87
C ASP A 34 19.48 12.25 -8.61
N LEU A 35 18.54 11.37 -8.94
CA LEU A 35 18.87 10.14 -9.68
C LEU A 35 18.14 10.18 -11.05
N GLU A 36 17.89 11.38 -11.54
CA GLU A 36 17.18 11.52 -12.80
C GLU A 36 17.91 11.05 -14.03
N THR A 37 17.13 10.79 -15.07
CA THR A 37 17.66 10.34 -16.35
C THR A 37 18.62 9.16 -16.24
N ASN A 38 18.18 8.10 -15.58
CA ASN A 38 18.98 6.88 -15.46
C ASN A 38 18.12 5.76 -15.98
N SER A 39 18.49 4.52 -15.64
CA SER A 39 17.72 3.37 -16.12
C SER A 39 17.15 2.50 -15.00
N LEU A 40 16.64 3.13 -13.95
CA LEU A 40 16.04 2.39 -12.84
C LEU A 40 14.73 1.78 -13.31
N LYS A 41 14.65 0.45 -13.33
CA LYS A 41 13.44 -0.24 -13.78
C LYS A 41 12.54 -0.59 -12.60
N SER A 42 13.17 -0.87 -11.46
CA SER A 42 12.43 -1.22 -10.26
C SER A 42 13.20 -0.74 -9.05
N LEU A 43 12.59 -0.91 -7.88
CA LEU A 43 13.22 -0.52 -6.63
C LEU A 43 12.93 -1.56 -5.56
N PRO A 44 13.96 -1.94 -4.79
CA PRO A 44 13.75 -2.93 -3.74
C PRO A 44 12.93 -2.28 -2.63
N ASN A 45 12.12 -3.06 -1.91
CA ASN A 45 11.36 -2.50 -0.81
C ASN A 45 12.38 -1.96 0.18
N GLY A 46 12.09 -0.79 0.74
CA GLY A 46 12.98 -0.18 1.72
C GLY A 46 14.28 0.46 1.26
N VAL A 47 14.46 0.59 -0.06
CA VAL A 47 15.69 1.16 -0.59
C VAL A 47 16.09 2.56 -0.10
N PHE A 48 15.12 3.38 0.25
CA PHE A 48 15.38 4.74 0.73
C PHE A 48 15.22 4.91 2.24
N ASP A 49 14.87 3.82 2.92
CA ASP A 49 14.62 3.89 4.36
C ASP A 49 15.62 4.60 5.27
N GLU A 50 16.88 4.63 4.90
CA GLU A 50 17.88 5.29 5.74
C GLU A 50 18.03 6.78 5.45
N LEU A 51 17.50 7.24 4.32
CA LEU A 51 17.62 8.64 3.92
C LEU A 51 16.48 9.52 4.45
N THR A 52 16.32 9.51 5.76
CA THR A 52 15.25 10.25 6.43
C THR A 52 15.36 11.76 6.40
N SER A 53 16.51 12.29 5.99
CA SER A 53 16.67 13.75 5.93
C SER A 53 16.27 14.33 4.56
N LEU A 54 15.87 13.47 3.64
CA LEU A 54 15.50 13.94 2.31
C LEU A 54 14.32 14.89 2.25
N THR A 55 14.52 15.99 1.52
CA THR A 55 13.44 16.95 1.33
C THR A 55 13.12 17.02 -0.16
N GLN A 56 14.09 16.68 -1.00
CA GLN A 56 13.90 16.70 -2.44
C GLN A 56 14.45 15.42 -3.04
N LEU A 57 13.57 14.68 -3.71
CA LEU A 57 13.91 13.40 -4.33
C LEU A 57 13.51 13.45 -5.78
N TYR A 58 14.50 13.33 -6.65
CA TYR A 58 14.28 13.40 -8.08
C TYR A 58 14.54 12.05 -8.75
N LEU A 59 13.48 11.44 -9.25
CA LEU A 59 13.56 10.14 -9.92
C LEU A 59 12.99 10.20 -11.33
N GLY A 60 12.76 11.41 -11.83
CA GLY A 60 12.22 11.56 -13.16
C GLY A 60 13.16 11.05 -14.24
N GLY A 61 12.59 10.60 -15.35
CA GLY A 61 13.40 10.13 -16.45
C GLY A 61 14.07 8.80 -16.24
N ASN A 62 13.36 7.85 -15.67
CA ASN A 62 13.90 6.53 -15.46
C ASN A 62 12.98 5.52 -16.14
N LYS A 63 13.05 4.26 -15.73
CA LYS A 63 12.22 3.22 -16.34
C LYS A 63 11.35 2.50 -15.32
N LEU A 64 10.92 3.23 -14.30
CA LEU A 64 10.11 2.62 -13.26
C LEU A 64 8.77 2.11 -13.76
N GLN A 65 8.52 0.82 -13.55
CA GLN A 65 7.27 0.22 -13.98
C GLN A 65 6.25 0.23 -12.86
N SER A 66 6.74 0.11 -11.64
CA SER A 66 5.88 0.09 -10.46
C SER A 66 6.71 0.56 -9.29
N LEU A 67 6.06 0.74 -8.15
CA LEU A 67 6.73 1.16 -6.93
C LEU A 67 6.40 0.15 -5.84
N PRO A 68 7.37 -0.20 -5.01
CA PRO A 68 7.05 -1.15 -3.94
C PRO A 68 6.21 -0.44 -2.88
N ASN A 69 5.35 -1.19 -2.19
CA ASN A 69 4.54 -0.59 -1.15
C ASN A 69 5.43 0.01 -0.08
N GLY A 70 5.05 1.19 0.41
CA GLY A 70 5.81 1.85 1.47
C GLY A 70 7.17 2.44 1.13
N VAL A 71 7.49 2.49 -0.15
CA VAL A 71 8.77 3.01 -0.59
C VAL A 71 9.16 4.40 -0.08
N PHE A 72 8.17 5.26 0.18
CA PHE A 72 8.47 6.61 0.67
C PHE A 72 8.08 6.83 2.12
N ASN A 73 7.59 5.80 2.80
CA ASN A 73 7.14 5.95 4.18
C ASN A 73 8.10 6.56 5.20
N LYS A 74 9.40 6.40 4.99
CA LYS A 74 10.37 6.95 5.94
C LYS A 74 10.81 8.37 5.57
N LEU A 75 10.43 8.82 4.38
CA LEU A 75 10.82 10.15 3.88
C LEU A 75 9.79 11.21 4.22
N THR A 76 9.43 11.27 5.49
CA THR A 76 8.41 12.20 5.96
C THR A 76 8.73 13.68 5.82
N SER A 77 9.98 14.02 5.55
CA SER A 77 10.36 15.44 5.39
C SER A 77 10.31 15.90 3.93
N LEU A 78 9.92 15.02 3.02
CA LEU A 78 9.87 15.39 1.60
C LEU A 78 8.95 16.54 1.27
N THR A 79 9.46 17.49 0.49
CA THR A 79 8.66 18.60 0.04
C THR A 79 8.55 18.58 -1.48
N TYR A 80 9.50 17.92 -2.14
CA TYR A 80 9.50 17.82 -3.60
C TYR A 80 9.75 16.39 -4.04
N LEU A 81 8.86 15.85 -4.86
CA LEU A 81 9.00 14.48 -5.36
C LEU A 81 8.70 14.41 -6.85
N ASN A 82 9.71 14.04 -7.62
CA ASN A 82 9.56 13.94 -9.07
C ASN A 82 9.61 12.48 -9.53
N LEU A 83 8.49 12.00 -10.06
CA LEU A 83 8.38 10.63 -10.56
C LEU A 83 7.95 10.64 -12.02
N SER A 84 8.11 11.79 -12.67
CA SER A 84 7.71 11.96 -14.06
C SER A 84 8.63 11.25 -15.03
N THR A 85 8.12 11.08 -16.25
CA THR A 85 8.86 10.42 -17.32
C THR A 85 9.43 9.07 -16.91
N ASN A 86 8.52 8.20 -16.50
CA ASN A 86 8.83 6.83 -16.13
C ASN A 86 7.79 5.96 -16.84
N GLN A 87 7.62 4.72 -16.40
CA GLN A 87 6.65 3.83 -17.03
C GLN A 87 5.63 3.30 -16.04
N LEU A 88 5.24 4.15 -15.08
CA LEU A 88 4.29 3.74 -14.05
C LEU A 88 2.88 3.49 -14.58
N GLN A 89 2.33 2.32 -14.26
CA GLN A 89 0.99 1.94 -14.68
C GLN A 89 -0.04 2.14 -13.57
N SER A 90 0.44 2.04 -12.34
CA SER A 90 -0.41 2.22 -11.17
C SER A 90 0.46 2.64 -9.99
N LEU A 91 -0.20 3.01 -8.91
CA LEU A 91 0.47 3.42 -7.69
C LEU A 91 -0.08 2.62 -6.53
N PRO A 92 0.77 2.31 -5.53
CA PRO A 92 0.24 1.54 -4.40
C PRO A 92 -0.73 2.43 -3.61
N ASN A 93 -1.74 1.82 -3.00
CA ASN A 93 -2.66 2.58 -2.17
C ASN A 93 -1.86 3.26 -1.06
N GLY A 94 -2.22 4.51 -0.77
CA GLY A 94 -1.57 5.29 0.27
C GLY A 94 -0.08 5.54 0.15
N VAL A 95 0.47 5.41 -1.06
CA VAL A 95 1.90 5.59 -1.27
C VAL A 95 2.46 6.95 -0.84
N PHE A 96 1.62 7.97 -0.86
CA PHE A 96 2.06 9.31 -0.46
C PHE A 96 1.51 9.73 0.89
N ASP A 97 0.76 8.87 1.55
CA ASP A 97 0.13 9.21 2.82
C ASP A 97 1.00 9.80 3.93
N LYS A 98 2.28 9.40 4.01
CA LYS A 98 3.13 9.93 5.07
C LYS A 98 3.88 11.21 4.69
N LEU A 99 3.79 11.61 3.43
CA LEU A 99 4.48 12.80 2.92
C LEU A 99 3.61 14.06 3.10
N THR A 100 3.20 14.30 4.33
CA THR A 100 2.34 15.41 4.67
C THR A 100 2.86 16.82 4.40
N GLN A 101 4.15 16.97 4.19
CA GLN A 101 4.75 18.27 3.89
C GLN A 101 4.98 18.45 2.39
N LEU A 102 4.56 17.48 1.57
CA LEU A 102 4.80 17.58 0.13
C LEU A 102 4.21 18.82 -0.50
N LYS A 103 5.02 19.52 -1.30
CA LYS A 103 4.60 20.75 -1.97
C LYS A 103 4.50 20.55 -3.47
N GLU A 104 5.37 19.71 -4.02
CA GLU A 104 5.37 19.44 -5.45
C GLU A 104 5.41 17.95 -5.72
N LEU A 105 4.49 17.48 -6.56
CA LEU A 105 4.41 16.08 -6.95
C LEU A 105 4.25 15.99 -8.45
N ALA A 106 5.27 15.46 -9.12
CA ALA A 106 5.22 15.31 -10.56
C ALA A 106 5.07 13.84 -10.95
N LEU A 107 3.98 13.54 -11.66
CA LEU A 107 3.66 12.19 -12.09
C LEU A 107 3.36 12.13 -13.57
N ASN A 108 3.70 13.21 -14.27
CA ASN A 108 3.43 13.30 -15.69
C ASN A 108 4.31 12.37 -16.50
N THR A 109 3.87 12.14 -17.73
CA THR A 109 4.60 11.33 -18.69
C THR A 109 4.92 9.95 -18.14
N ASN A 110 3.84 9.26 -17.76
CA ASN A 110 3.91 7.90 -17.27
C ASN A 110 2.85 7.11 -18.05
N GLN A 111 2.49 5.93 -17.56
CA GLN A 111 1.50 5.10 -18.23
C GLN A 111 0.36 4.80 -17.27
N LEU A 112 0.06 5.75 -16.40
CA LEU A 112 -0.97 5.53 -15.39
C LEU A 112 -2.36 5.30 -15.96
N GLN A 113 -2.95 4.16 -15.61
CA GLN A 113 -4.29 3.84 -16.08
C GLN A 113 -5.34 4.14 -15.02
N SER A 114 -4.90 4.41 -13.80
CA SER A 114 -5.84 4.73 -12.73
C SER A 114 -5.06 5.27 -11.55
N LEU A 115 -5.77 5.93 -10.64
CA LEU A 115 -5.18 6.45 -9.41
C LEU A 115 -5.92 5.78 -8.27
N PRO A 116 -5.22 5.47 -7.16
CA PRO A 116 -5.90 4.84 -6.02
C PRO A 116 -6.88 5.82 -5.40
N ASP A 117 -7.98 5.31 -4.85
CA ASP A 117 -8.94 6.18 -4.18
C ASP A 117 -8.21 6.89 -3.04
N GLY A 118 -8.47 8.20 -2.90
CA GLY A 118 -7.87 9.00 -1.84
C GLY A 118 -6.37 9.15 -1.87
N VAL A 119 -5.74 8.86 -3.01
CA VAL A 119 -4.29 8.93 -3.12
C VAL A 119 -3.64 10.25 -2.74
N PHE A 120 -4.34 11.36 -2.92
CA PHE A 120 -3.77 12.67 -2.56
C PHE A 120 -4.38 13.27 -1.29
N ASP A 121 -5.23 12.52 -0.60
CA ASP A 121 -5.92 13.05 0.59
C ASP A 121 -5.08 13.65 1.71
N LYS A 122 -3.88 13.13 1.93
CA LYS A 122 -3.05 13.66 3.02
C LYS A 122 -2.15 14.82 2.62
N LEU A 123 -2.09 15.12 1.32
CA LEU A 123 -1.20 16.16 0.82
C LEU A 123 -1.82 17.54 0.83
N THR A 124 -2.25 17.98 2.01
CA THR A 124 -2.91 19.27 2.12
C THR A 124 -2.04 20.50 1.90
N GLN A 125 -0.72 20.30 1.86
CA GLN A 125 0.19 21.42 1.60
C GLN A 125 0.63 21.45 0.13
N LEU A 126 0.15 20.49 -0.65
CA LEU A 126 0.53 20.39 -2.06
C LEU A 126 0.12 21.59 -2.89
N LYS A 127 1.07 22.17 -3.61
CA LYS A 127 0.82 23.34 -4.43
C LYS A 127 0.83 23.06 -5.94
N ASP A 128 1.60 22.05 -6.33
CA ASP A 128 1.78 21.71 -7.74
C ASP A 128 1.64 20.20 -7.94
N LEU A 129 0.69 19.82 -8.79
CA LEU A 129 0.44 18.40 -9.09
C LEU A 129 0.39 18.21 -10.59
N ARG A 130 1.31 17.40 -11.12
CA ARG A 130 1.38 17.18 -12.56
C ARG A 130 0.98 15.75 -12.93
N LEU A 131 -0.09 15.65 -13.72
CA LEU A 131 -0.63 14.35 -14.14
C LEU A 131 -0.76 14.23 -15.65
N TYR A 132 -0.23 15.22 -16.36
CA TYR A 132 -0.35 15.21 -17.81
C TYR A 132 0.40 14.07 -18.46
N GLN A 133 -0.06 13.70 -19.64
CA GLN A 133 0.52 12.62 -20.45
C GLN A 133 0.58 11.31 -19.68
N ASN A 134 -0.60 10.74 -19.49
CA ASN A 134 -0.77 9.46 -18.84
C ASN A 134 -1.88 8.71 -19.57
N GLN A 135 -2.37 7.61 -19.01
CA GLN A 135 -3.41 6.83 -19.66
C GLN A 135 -4.69 6.81 -18.84
N LEU A 136 -4.94 7.91 -18.14
CA LEU A 136 -6.11 8.01 -17.28
C LEU A 136 -7.41 8.25 -18.04
N LYS A 137 -8.38 7.38 -17.84
CA LYS A 137 -9.69 7.53 -18.47
C LYS A 137 -10.59 8.22 -17.46
N SER A 138 -10.22 8.11 -16.19
CA SER A 138 -11.01 8.73 -15.11
C SER A 138 -10.17 8.90 -13.86
N VAL A 139 -10.71 9.63 -12.90
CA VAL A 139 -10.06 9.82 -11.61
C VAL A 139 -11.10 9.41 -10.57
N PRO A 140 -10.66 9.05 -9.36
CA PRO A 140 -11.64 8.67 -8.34
C PRO A 140 -12.48 9.89 -7.96
N ASP A 141 -13.76 9.68 -7.65
CA ASP A 141 -14.60 10.81 -7.25
C ASP A 141 -14.00 11.44 -6.02
N GLY A 142 -13.95 12.78 -6.00
CA GLY A 142 -13.43 13.51 -4.86
C GLY A 142 -11.92 13.47 -4.67
N VAL A 143 -11.19 12.92 -5.63
CA VAL A 143 -9.73 12.78 -5.48
C VAL A 143 -8.95 14.06 -5.19
N PHE A 144 -9.45 15.22 -5.62
CA PHE A 144 -8.72 16.48 -5.39
C PHE A 144 -9.32 17.32 -4.28
N ASP A 145 -10.36 16.82 -3.62
CA ASP A 145 -11.06 17.63 -2.62
C ASP A 145 -10.33 18.15 -1.40
N ARG A 146 -9.28 17.47 -0.98
CA ARG A 146 -8.55 17.94 0.20
C ARG A 146 -7.33 18.79 -0.13
N LEU A 147 -7.09 19.05 -1.41
CA LEU A 147 -5.93 19.82 -1.81
C LEU A 147 -6.16 21.34 -1.73
N THR A 148 -6.30 21.81 -0.50
CA THR A 148 -6.56 23.21 -0.21
C THR A 148 -5.47 24.19 -0.61
N SER A 149 -4.24 23.72 -0.76
CA SER A 149 -3.12 24.58 -1.13
C SER A 149 -2.80 24.51 -2.61
N LEU A 150 -3.56 23.73 -3.36
CA LEU A 150 -3.29 23.53 -4.78
C LEU A 150 -3.42 24.79 -5.65
N GLN A 151 -2.34 25.15 -6.31
CA GLN A 151 -2.29 26.32 -7.19
C GLN A 151 -2.11 25.95 -8.64
N TYR A 152 -1.52 24.80 -8.91
CA TYR A 152 -1.29 24.37 -10.28
C TYR A 152 -1.51 22.89 -10.47
N ILE A 153 -2.31 22.53 -11.47
CA ILE A 153 -2.55 21.14 -11.80
C ILE A 153 -2.49 21.00 -13.32
N TRP A 154 -1.93 19.89 -13.79
CA TRP A 154 -1.79 19.60 -15.22
C TRP A 154 -2.53 18.29 -15.48
N LEU A 155 -3.52 18.34 -16.36
CA LEU A 155 -4.36 17.18 -16.66
C LEU A 155 -4.41 16.80 -18.14
N HIS A 156 -3.75 17.60 -18.98
CA HIS A 156 -3.80 17.36 -20.42
C HIS A 156 -3.18 16.07 -20.87
N ASP A 157 -3.53 15.68 -22.08
CA ASP A 157 -3.02 14.46 -22.67
C ASP A 157 -3.30 13.19 -21.87
N ASN A 158 -4.56 13.06 -21.50
CA ASN A 158 -5.08 11.86 -20.84
C ASN A 158 -6.34 11.58 -21.64
N PRO A 159 -6.60 10.29 -21.92
CA PRO A 159 -7.80 9.89 -22.68
C PRO A 159 -9.06 9.88 -21.81
N TRP A 160 -9.42 11.04 -21.28
CA TRP A 160 -10.57 11.13 -20.41
C TRP A 160 -11.87 10.60 -21.02
N ASP A 161 -12.56 9.74 -20.28
CA ASP A 161 -13.83 9.17 -20.70
C ASP A 161 -14.90 10.17 -20.28
N CYS A 162 -15.45 10.89 -21.26
CA CYS A 162 -16.46 11.89 -20.97
C CYS A 162 -17.90 11.42 -20.92
N THR A 163 -18.10 10.12 -20.75
CA THR A 163 -19.44 9.60 -20.66
C THR A 163 -20.00 10.01 -19.29
N CYS A 164 -21.27 10.38 -19.27
CA CYS A 164 -21.94 10.74 -18.02
C CYS A 164 -22.59 9.48 -17.49
N PRO A 165 -22.73 9.38 -16.15
CA PRO A 165 -22.35 10.37 -15.13
C PRO A 165 -20.91 10.29 -14.61
N GLY A 166 -20.13 9.35 -15.10
CA GLY A 166 -18.78 9.20 -14.60
C GLY A 166 -17.87 10.43 -14.63
N ILE A 167 -17.99 11.23 -15.66
CA ILE A 167 -17.17 12.43 -15.81
C ILE A 167 -17.62 13.61 -14.94
N ARG A 168 -18.77 13.46 -14.26
CA ARG A 168 -19.29 14.57 -13.45
C ARG A 168 -18.31 15.21 -12.49
N TYR A 169 -17.68 14.42 -11.64
CA TYR A 169 -16.76 14.99 -10.68
C TYR A 169 -15.65 15.81 -11.33
N LEU A 170 -14.95 15.25 -12.30
CA LEU A 170 -13.85 15.97 -12.92
C LEU A 170 -14.30 17.23 -13.66
N SER A 171 -15.40 17.13 -14.39
CA SER A 171 -15.91 18.30 -15.08
C SER A 171 -16.31 19.37 -14.07
N GLU A 172 -17.02 18.99 -13.02
CA GLU A 172 -17.42 19.98 -12.04
C GLU A 172 -16.22 20.55 -11.29
N TRP A 173 -15.22 19.72 -11.02
CA TRP A 173 -14.07 20.22 -10.31
C TRP A 173 -13.31 21.22 -11.16
N ILE A 174 -13.09 20.92 -12.43
CA ILE A 174 -12.39 21.87 -13.27
C ILE A 174 -13.20 23.16 -13.37
N ASN A 175 -14.51 23.05 -13.50
CA ASN A 175 -15.35 24.25 -13.59
C ASN A 175 -15.28 25.14 -12.36
N LYS A 176 -15.00 24.55 -11.20
CA LYS A 176 -14.90 25.30 -9.95
C LYS A 176 -13.47 25.71 -9.60
N HIS A 177 -12.50 25.27 -10.40
CA HIS A 177 -11.10 25.60 -10.16
C HIS A 177 -10.46 25.93 -11.50
N SER A 178 -11.15 26.75 -12.29
CA SER A 178 -10.69 27.12 -13.62
C SER A 178 -9.32 27.77 -13.73
N GLY A 179 -8.90 28.47 -12.67
CA GLY A 179 -7.61 29.12 -12.71
C GLY A 179 -6.46 28.25 -12.23
N VAL A 180 -6.75 27.03 -11.82
CA VAL A 180 -5.71 26.13 -11.33
C VAL A 180 -5.12 25.23 -12.42
N VAL A 181 -5.89 24.98 -13.47
CA VAL A 181 -5.47 24.10 -14.56
C VAL A 181 -4.50 24.77 -15.51
N ARG A 182 -3.37 24.10 -15.75
CA ARG A 182 -2.30 24.60 -16.62
C ARG A 182 -2.08 23.72 -17.83
N ASN A 183 -1.73 24.33 -18.96
CA ASN A 183 -1.46 23.58 -20.18
C ASN A 183 0.05 23.38 -20.32
N SER A 184 0.43 22.63 -21.35
CA SER A 184 1.84 22.33 -21.60
C SER A 184 2.68 23.60 -21.68
N ALA A 185 2.11 24.64 -22.27
CA ALA A 185 2.80 25.92 -22.40
C ALA A 185 2.98 26.58 -21.03
N GLY A 186 2.33 26.02 -20.01
CA GLY A 186 2.45 26.57 -18.68
C GLY A 186 1.46 27.68 -18.36
N SER A 187 0.49 27.90 -19.24
CA SER A 187 -0.49 28.94 -19.01
C SER A 187 -1.79 28.39 -18.43
N VAL A 188 -2.58 29.28 -17.84
CA VAL A 188 -3.88 28.90 -17.28
C VAL A 188 -4.69 28.44 -18.50
N ALA A 189 -5.22 27.22 -18.43
CA ALA A 189 -5.96 26.66 -19.56
C ALA A 189 -6.93 25.60 -19.07
N PRO A 190 -8.09 26.02 -18.58
CA PRO A 190 -9.08 25.06 -18.08
C PRO A 190 -9.66 24.13 -19.12
N ASP A 191 -9.48 24.46 -20.40
CA ASP A 191 -9.99 23.62 -21.46
C ASP A 191 -8.96 22.63 -21.99
N SER A 192 -7.79 22.54 -21.34
CA SER A 192 -6.74 21.63 -21.79
C SER A 192 -6.98 20.14 -21.53
N ALA A 193 -7.83 19.82 -20.55
CA ALA A 193 -8.19 18.43 -20.28
C ALA A 193 -9.27 18.17 -21.33
N LYS A 194 -9.01 17.22 -22.22
CA LYS A 194 -9.95 16.93 -23.30
C LYS A 194 -10.46 15.52 -23.32
N CYS A 195 -11.65 15.37 -23.87
CA CYS A 195 -12.34 14.09 -23.99
C CYS A 195 -11.69 13.21 -25.03
N SER A 196 -11.57 11.93 -24.69
CA SER A 196 -10.96 10.89 -25.52
C SER A 196 -11.26 10.82 -27.02
N GLY A 197 -12.53 10.84 -27.39
CA GLY A 197 -12.85 10.73 -28.81
C GLY A 197 -13.32 12.00 -29.50
N SER A 198 -14.16 12.75 -28.81
CA SER A 198 -14.68 13.99 -29.37
C SER A 198 -13.63 15.09 -29.39
N GLY A 199 -12.74 15.07 -28.41
CA GLY A 199 -11.71 16.10 -28.31
C GLY A 199 -12.23 17.34 -27.62
N LYS A 200 -13.49 17.30 -27.19
CA LYS A 200 -14.11 18.44 -26.52
C LYS A 200 -13.54 18.62 -25.11
N PRO A 201 -13.56 19.85 -24.58
CA PRO A 201 -13.03 20.05 -23.22
C PRO A 201 -13.86 19.28 -22.19
N VAL A 202 -13.18 18.61 -21.25
CA VAL A 202 -13.87 17.88 -20.21
C VAL A 202 -14.83 18.82 -19.48
N ARG A 203 -14.41 20.05 -19.21
CA ARG A 203 -15.28 20.98 -18.50
C ARG A 203 -16.47 21.47 -19.31
N SER A 204 -16.54 21.10 -20.59
CA SER A 204 -17.68 21.49 -21.41
C SER A 204 -18.80 20.47 -21.29
N ILE A 205 -18.52 19.37 -20.60
CA ILE A 205 -19.50 18.29 -20.43
C ILE A 205 -20.33 18.54 -19.19
N ILE A 206 -21.59 18.88 -19.41
CA ILE A 206 -22.54 19.18 -18.35
C ILE A 206 -23.49 18.00 -18.27
N CYS A 207 -23.21 17.08 -17.35
CA CYS A 207 -24.03 15.90 -17.22
C CYS A 207 -25.47 16.20 -16.77
N PRO A 208 -26.47 15.56 -17.39
CA PRO A 208 -27.87 15.78 -17.04
C PRO A 208 -28.19 15.32 -15.61
N CYS B 1 -31.56 -7.34 11.85
CA CYS B 1 -30.60 -8.07 10.97
C CYS B 1 -30.51 -7.39 9.62
N PRO B 2 -29.28 -7.23 9.10
CA PRO B 2 -29.11 -6.58 7.79
C PRO B 2 -29.85 -7.40 6.73
N SER B 3 -30.47 -6.73 5.77
CA SER B 3 -31.18 -7.44 4.72
C SER B 3 -30.32 -8.50 4.05
N ARG B 4 -30.92 -9.68 3.89
CA ARG B 4 -30.31 -10.86 3.27
C ARG B 4 -29.33 -11.62 4.15
N CYS B 5 -28.86 -11.02 5.24
CA CYS B 5 -27.96 -11.79 6.10
C CYS B 5 -28.82 -12.73 6.95
N SER B 6 -28.16 -13.65 7.64
CA SER B 6 -28.82 -14.62 8.52
C SER B 6 -28.36 -14.33 9.93
N CYS B 7 -29.31 -14.08 10.81
CA CYS B 7 -29.02 -13.75 12.19
C CYS B 7 -29.74 -14.61 13.22
N SER B 8 -29.01 -14.93 14.29
CA SER B 8 -29.55 -15.69 15.40
C SER B 8 -28.65 -15.37 16.59
N GLY B 9 -29.24 -15.14 17.75
CA GLY B 9 -28.44 -14.79 18.91
C GLY B 9 -27.63 -13.55 18.57
N THR B 10 -26.32 -13.59 18.80
CA THR B 10 -25.44 -12.47 18.49
C THR B 10 -24.57 -12.80 17.28
N THR B 11 -25.06 -13.70 16.44
CA THR B 11 -24.35 -14.13 15.23
C THR B 11 -24.95 -13.52 13.98
N VAL B 12 -24.10 -12.98 13.11
CA VAL B 12 -24.55 -12.37 11.87
C VAL B 12 -23.73 -12.94 10.71
N GLU B 13 -24.42 -13.62 9.79
CA GLU B 13 -23.76 -14.24 8.65
C GLU B 13 -24.21 -13.62 7.34
N CYS B 14 -23.24 -13.19 6.54
CA CYS B 14 -23.53 -12.54 5.27
C CYS B 14 -22.55 -12.97 4.18
N TYR B 15 -22.08 -14.21 4.26
CA TYR B 15 -21.11 -14.68 3.28
C TYR B 15 -21.66 -15.05 1.91
N SER B 16 -20.78 -14.97 0.91
CA SER B 16 -21.10 -15.34 -0.46
C SER B 16 -22.32 -14.65 -1.01
N GLN B 17 -22.40 -13.33 -0.81
CA GLN B 17 -23.55 -12.58 -1.31
C GLN B 17 -23.17 -11.42 -2.23
N GLY B 18 -21.97 -11.47 -2.79
CA GLY B 18 -21.51 -10.43 -3.71
C GLY B 18 -21.49 -9.02 -3.16
N ARG B 19 -21.37 -8.90 -1.85
CA ARG B 19 -21.35 -7.60 -1.21
C ARG B 19 -20.09 -6.80 -1.48
N THR B 20 -20.25 -5.50 -1.65
CA THR B 20 -19.10 -4.64 -1.91
C THR B 20 -18.96 -3.59 -0.80
N SER B 21 -19.76 -3.73 0.24
CA SER B 21 -19.68 -2.83 1.37
C SER B 21 -20.12 -3.57 2.62
N VAL B 22 -19.73 -3.05 3.78
CA VAL B 22 -20.13 -3.66 5.03
C VAL B 22 -21.60 -3.31 5.21
N PRO B 23 -22.46 -4.29 5.45
CA PRO B 23 -23.87 -3.95 5.60
C PRO B 23 -24.19 -3.10 6.82
N THR B 24 -25.25 -2.32 6.70
CA THR B 24 -25.70 -1.49 7.80
C THR B 24 -26.70 -2.36 8.56
N GLY B 25 -27.04 -1.97 9.78
CA GLY B 25 -28.00 -2.77 10.52
C GLY B 25 -27.42 -3.93 11.31
N ILE B 26 -26.10 -3.97 11.48
CA ILE B 26 -25.49 -5.04 12.25
C ILE B 26 -25.71 -4.64 13.72
N PRO B 27 -26.42 -5.49 14.48
CA PRO B 27 -26.68 -5.17 15.90
C PRO B 27 -25.42 -4.87 16.70
N ALA B 28 -25.52 -3.88 17.61
CA ALA B 28 -24.39 -3.48 18.42
C ALA B 28 -23.82 -4.58 19.32
N GLN B 29 -24.67 -5.53 19.69
CA GLN B 29 -24.24 -6.64 20.55
C GLN B 29 -23.67 -7.83 19.78
N THR B 30 -23.54 -7.70 18.47
CA THR B 30 -23.03 -8.79 17.63
C THR B 30 -21.63 -9.22 18.09
N THR B 31 -21.43 -10.53 18.18
CA THR B 31 -20.15 -11.09 18.61
C THR B 31 -19.46 -11.87 17.49
N TYR B 32 -20.24 -12.27 16.49
CA TYR B 32 -19.73 -13.07 15.39
C TYR B 32 -20.24 -12.43 14.10
N LEU B 33 -19.32 -11.96 13.24
CA LEU B 33 -19.70 -11.33 11.98
C LEU B 33 -18.94 -12.01 10.85
N ASP B 34 -19.67 -12.63 9.93
CA ASP B 34 -19.07 -13.34 8.82
C ASP B 34 -19.37 -12.66 7.50
N LEU B 35 -18.36 -12.01 6.93
CA LEU B 35 -18.51 -11.32 5.65
C LEU B 35 -17.65 -11.98 4.59
N GLU B 36 -17.34 -13.25 4.80
CA GLU B 36 -16.51 -13.98 3.87
C GLU B 36 -17.06 -14.19 2.49
N THR B 37 -16.14 -14.33 1.55
CA THR B 37 -16.45 -14.59 0.17
C THR B 37 -17.41 -13.59 -0.45
N ASN B 38 -17.09 -12.32 -0.29
CA ASN B 38 -17.85 -11.25 -0.90
C ASN B 38 -16.88 -10.51 -1.79
N SER B 39 -17.19 -9.27 -2.15
CA SER B 39 -16.34 -8.50 -3.04
C SER B 39 -15.93 -7.16 -2.46
N LEU B 40 -15.64 -7.13 -1.16
CA LEU B 40 -15.23 -5.88 -0.53
C LEU B 40 -13.88 -5.48 -1.14
N LYS B 41 -13.84 -4.30 -1.76
CA LYS B 41 -12.64 -3.77 -2.41
C LYS B 41 -11.87 -2.86 -1.44
N SER B 42 -12.55 -2.38 -0.42
CA SER B 42 -11.93 -1.50 0.56
C SER B 42 -12.83 -1.37 1.78
N LEU B 43 -12.27 -0.84 2.86
CA LEU B 43 -13.03 -0.62 4.08
C LEU B 43 -12.91 0.84 4.45
N PRO B 44 -14.04 1.53 4.67
CA PRO B 44 -13.92 2.95 5.03
C PRO B 44 -13.45 3.07 6.46
N ASN B 45 -12.81 4.19 6.78
CA ASN B 45 -12.34 4.40 8.13
C ASN B 45 -13.50 4.34 9.11
N GLY B 46 -13.27 3.71 10.25
CA GLY B 46 -14.27 3.59 11.31
C GLY B 46 -15.49 2.73 11.05
N VAL B 47 -15.48 1.97 9.96
CA VAL B 47 -16.63 1.14 9.60
C VAL B 47 -17.07 0.13 10.66
N PHE B 48 -16.14 -0.33 11.49
CA PHE B 48 -16.45 -1.30 12.53
C PHE B 48 -16.49 -0.72 13.95
N ASP B 49 -16.25 0.58 14.09
CA ASP B 49 -16.20 1.21 15.41
C ASP B 49 -17.37 1.00 16.37
N GLU B 50 -18.57 0.73 15.84
CA GLU B 50 -19.73 0.54 16.70
C GLU B 50 -19.90 -0.92 17.17
N LEU B 51 -19.23 -1.85 16.51
CA LEU B 51 -19.34 -3.26 16.82
C LEU B 51 -18.29 -3.75 17.82
N THR B 52 -18.26 -3.10 18.98
CA THR B 52 -17.26 -3.41 20.00
C THR B 52 -17.38 -4.74 20.70
N SER B 53 -18.49 -5.47 20.47
CA SER B 53 -18.68 -6.76 21.11
C SER B 53 -18.16 -7.92 20.25
N LEU B 54 -17.61 -7.61 19.08
CA LEU B 54 -17.10 -8.67 18.19
C LEU B 54 -15.96 -9.48 18.78
N THR B 55 -16.10 -10.79 18.70
CA THR B 55 -15.04 -11.67 19.18
C THR B 55 -14.48 -12.44 17.98
N GLN B 56 -15.28 -12.56 16.92
CA GLN B 56 -14.84 -13.27 15.72
C GLN B 56 -15.25 -12.48 14.49
N LEU B 57 -14.26 -12.08 13.69
CA LEU B 57 -14.51 -11.29 12.48
C LEU B 57 -13.91 -12.01 11.27
N TYR B 58 -14.77 -12.38 10.33
CA TYR B 58 -14.36 -13.12 9.14
C TYR B 58 -14.45 -12.23 7.91
N LEU B 59 -13.30 -11.88 7.35
CA LEU B 59 -13.23 -11.04 6.15
C LEU B 59 -12.47 -11.74 5.03
N GLY B 60 -12.27 -13.05 5.19
CA GLY B 60 -11.55 -13.80 4.20
C GLY B 60 -12.30 -13.89 2.88
N GLY B 61 -11.53 -14.01 1.81
CA GLY B 61 -12.15 -14.15 0.50
C GLY B 61 -12.78 -12.92 -0.09
N ASN B 62 -12.20 -11.76 0.20
CA ASN B 62 -12.69 -10.51 -0.36
C ASN B 62 -11.58 -9.97 -1.25
N LYS B 63 -11.64 -8.69 -1.63
CA LYS B 63 -10.61 -8.13 -2.52
C LYS B 63 -9.88 -6.97 -1.87
N LEU B 64 -9.68 -7.02 -0.55
CA LEU B 64 -9.00 -5.93 0.13
C LEU B 64 -7.54 -5.85 -0.29
N GLN B 65 -7.08 -4.65 -0.64
CA GLN B 65 -5.69 -4.49 -1.07
C GLN B 65 -4.90 -3.76 0.01
N SER B 66 -5.62 -2.94 0.78
CA SER B 66 -5.01 -2.22 1.88
C SER B 66 -6.07 -2.03 2.96
N LEU B 67 -5.62 -1.62 4.14
CA LEU B 67 -6.52 -1.39 5.27
C LEU B 67 -6.30 0.00 5.79
N PRO B 68 -7.37 0.68 6.22
CA PRO B 68 -7.16 2.04 6.74
C PRO B 68 -6.57 1.99 8.15
N ASN B 69 -5.84 3.03 8.52
CA ASN B 69 -5.24 3.11 9.85
C ASN B 69 -6.32 2.97 10.93
N GLY B 70 -6.00 2.19 11.95
CA GLY B 70 -6.89 1.97 13.08
C GLY B 70 -8.23 1.32 12.86
N VAL B 71 -8.42 0.67 11.71
CA VAL B 71 -9.71 0.05 11.40
C VAL B 71 -10.22 -0.98 12.40
N PHE B 72 -9.32 -1.62 13.15
CA PHE B 72 -9.73 -2.61 14.13
C PHE B 72 -9.56 -2.14 15.56
N ASN B 73 -9.11 -0.90 15.76
CA ASN B 73 -8.84 -0.40 17.10
C ASN B 73 -9.92 -0.54 18.18
N LYS B 74 -11.19 -0.47 17.80
CA LYS B 74 -12.26 -0.60 18.79
C LYS B 74 -12.70 -2.04 19.05
N LEU B 75 -12.19 -2.99 18.26
CA LEU B 75 -12.57 -4.39 18.37
C LEU B 75 -11.66 -5.15 19.33
N THR B 76 -11.53 -4.63 20.54
CA THR B 76 -10.64 -5.21 21.53
C THR B 76 -10.98 -6.58 22.06
N SER B 77 -12.18 -7.07 21.76
CA SER B 77 -12.58 -8.41 22.21
C SER B 77 -12.28 -9.50 21.18
N LEU B 78 -11.71 -9.13 20.03
CA LEU B 78 -11.43 -10.14 19.01
C LEU B 78 -10.48 -11.23 19.44
N THR B 79 -10.90 -12.47 19.24
CA THR B 79 -10.06 -13.62 19.52
C THR B 79 -9.73 -14.28 18.21
N TYR B 80 -10.54 -14.02 17.18
CA TYR B 80 -10.31 -14.56 15.86
C TYR B 80 -10.50 -13.48 14.79
N LEU B 81 -9.49 -13.33 13.93
CA LEU B 81 -9.55 -12.36 12.83
C LEU B 81 -9.04 -13.07 11.57
N ASN B 82 -9.90 -13.14 10.57
CA ASN B 82 -9.54 -13.78 9.31
C ASN B 82 -9.49 -12.76 8.16
N LEU B 83 -8.29 -12.50 7.67
CA LEU B 83 -8.07 -11.58 6.55
C LEU B 83 -7.45 -12.33 5.38
N SER B 84 -7.56 -13.65 5.41
CA SER B 84 -6.95 -14.45 4.37
C SER B 84 -7.67 -14.33 3.04
N THR B 85 -6.96 -14.73 1.99
CA THR B 85 -7.52 -14.75 0.65
C THR B 85 -8.13 -13.44 0.20
N ASN B 86 -7.35 -12.37 0.35
CA ASN B 86 -7.73 -11.05 -0.14
C ASN B 86 -6.58 -10.75 -1.10
N GLN B 87 -6.20 -9.49 -1.27
CA GLN B 87 -5.07 -9.18 -2.13
C GLN B 87 -4.21 -8.12 -1.44
N LEU B 88 -4.09 -8.25 -0.12
CA LEU B 88 -3.34 -7.28 0.67
C LEU B 88 -1.87 -7.21 0.27
N GLN B 89 -1.39 -6.00 0.01
CA GLN B 89 0.01 -5.83 -0.39
C GLN B 89 0.87 -5.36 0.78
N SER B 90 0.19 -4.84 1.81
CA SER B 90 0.87 -4.36 3.01
C SER B 90 -0.12 -4.21 4.15
N LEU B 91 0.41 -4.00 5.34
CA LEU B 91 -0.40 -3.78 6.53
C LEU B 91 -0.01 -2.46 7.16
N PRO B 92 -0.96 -1.75 7.77
CA PRO B 92 -0.64 -0.47 8.41
C PRO B 92 0.18 -0.75 9.67
N ASN B 93 1.09 0.14 10.02
CA ASN B 93 1.88 -0.03 11.25
C ASN B 93 0.86 -0.07 12.39
N GLY B 94 1.07 -0.98 13.33
CA GLY B 94 0.23 -1.09 14.51
C GLY B 94 -1.21 -1.57 14.31
N VAL B 95 -1.51 -2.09 13.13
CA VAL B 95 -2.86 -2.56 12.79
C VAL B 95 -3.52 -3.52 13.81
N PHE B 96 -2.72 -4.36 14.47
CA PHE B 96 -3.27 -5.31 15.43
C PHE B 96 -2.98 -4.95 16.88
N ASP B 97 -2.39 -3.78 17.13
CA ASP B 97 -2.01 -3.40 18.50
C ASP B 97 -3.09 -3.40 19.57
N LYS B 98 -4.34 -3.14 19.19
CA LYS B 98 -5.43 -3.12 20.17
C LYS B 98 -6.11 -4.48 20.29
N LEU B 99 -5.72 -5.43 19.45
CA LEU B 99 -6.34 -6.75 19.43
C LEU B 99 -5.58 -7.74 20.32
N THR B 100 -5.39 -7.35 21.58
CA THR B 100 -4.60 -8.14 22.50
C THR B 100 -5.12 -9.52 22.84
N GLN B 101 -6.40 -9.77 22.62
CA GLN B 101 -6.97 -11.09 22.91
C GLN B 101 -6.90 -12.06 21.73
N LEU B 102 -6.28 -11.65 20.62
CA LEU B 102 -6.21 -12.55 19.48
C LEU B 102 -5.55 -13.89 19.77
N LYS B 103 -6.24 -14.97 19.38
CA LYS B 103 -5.74 -16.32 19.56
C LYS B 103 -5.41 -16.85 18.16
N GLU B 104 -6.22 -16.46 17.17
CA GLU B 104 -5.98 -16.89 15.79
C GLU B 104 -5.98 -15.68 14.85
N LEU B 105 -4.94 -15.59 14.03
CA LEU B 105 -4.79 -14.51 13.07
C LEU B 105 -4.40 -15.09 11.71
N ALA B 106 -5.31 -15.03 10.75
CA ALA B 106 -5.07 -15.58 9.43
C ALA B 106 -4.82 -14.48 8.41
N LEU B 107 -3.61 -14.45 7.86
CA LEU B 107 -3.21 -13.45 6.88
C LEU B 107 -2.72 -14.13 5.60
N ASN B 108 -2.98 -15.42 5.48
CA ASN B 108 -2.51 -16.18 4.32
C ASN B 108 -3.23 -15.84 3.04
N THR B 109 -2.60 -16.23 1.93
CA THR B 109 -3.16 -16.05 0.61
C THR B 109 -3.51 -14.60 0.30
N ASN B 110 -2.50 -13.76 0.48
CA ASN B 110 -2.59 -12.35 0.14
C ASN B 110 -1.39 -12.04 -0.76
N GLN B 111 -0.99 -10.78 -0.85
CA GLN B 111 0.15 -10.43 -1.70
C GLN B 111 1.12 -9.58 -0.86
N LEU B 112 1.21 -9.89 0.43
CA LEU B 112 2.05 -9.11 1.33
C LEU B 112 3.51 -9.04 0.95
N GLN B 113 4.03 -7.83 0.76
CA GLN B 113 5.42 -7.60 0.38
C GLN B 113 6.34 -7.55 1.57
N SER B 114 5.77 -7.25 2.73
CA SER B 114 6.53 -7.17 3.97
C SER B 114 5.58 -7.10 5.13
N LEU B 115 6.12 -7.23 6.32
CA LEU B 115 5.36 -7.11 7.54
C LEU B 115 5.94 -5.89 8.25
N PRO B 116 5.09 -5.06 8.89
CA PRO B 116 5.63 -3.89 9.58
C PRO B 116 6.48 -4.31 10.79
N ASP B 117 7.49 -3.53 11.13
CA ASP B 117 8.29 -3.84 12.30
C ASP B 117 7.34 -3.83 13.51
N GLY B 118 7.51 -4.81 14.40
CA GLY B 118 6.68 -4.88 15.60
C GLY B 118 5.21 -5.19 15.43
N VAL B 119 4.80 -5.60 14.24
CA VAL B 119 3.38 -5.86 13.98
C VAL B 119 2.67 -6.86 14.92
N PHE B 120 3.42 -7.79 15.50
CA PHE B 120 2.84 -8.78 16.40
C PHE B 120 3.22 -8.55 17.87
N ASP B 121 3.89 -7.44 18.16
CA ASP B 121 4.36 -7.18 19.53
C ASP B 121 3.31 -7.16 20.64
N LYS B 122 2.07 -6.83 20.31
CA LYS B 122 1.04 -6.78 21.34
C LYS B 122 0.27 -8.10 21.46
N LEU B 123 0.67 -9.09 20.67
CA LEU B 123 -0.05 -10.36 20.64
C LEU B 123 0.52 -11.51 21.46
N THR B 124 0.87 -11.20 22.70
CA THR B 124 1.40 -12.20 23.64
C THR B 124 0.49 -13.43 23.72
N GLN B 125 -0.81 -13.23 23.54
CA GLN B 125 -1.78 -14.32 23.65
C GLN B 125 -1.97 -15.17 22.40
N LEU B 126 -1.38 -14.76 21.29
CA LEU B 126 -1.57 -15.47 20.02
C LEU B 126 -1.14 -16.94 20.00
N LYS B 127 -1.97 -17.78 19.40
CA LYS B 127 -1.67 -19.21 19.33
C LYS B 127 -1.50 -19.76 17.93
N ASP B 128 -2.14 -19.10 16.96
CA ASP B 128 -2.13 -19.57 15.58
C ASP B 128 -1.96 -18.37 14.66
N LEU B 129 -0.90 -18.39 13.85
CA LEU B 129 -0.58 -17.30 12.93
C LEU B 129 -0.31 -17.89 11.54
N ARG B 130 -1.11 -17.48 10.56
CA ARG B 130 -0.98 -18.00 9.21
C ARG B 130 -0.50 -16.91 8.25
N LEU B 131 0.67 -17.15 7.66
CA LEU B 131 1.29 -16.20 6.76
C LEU B 131 1.64 -16.81 5.41
N TYR B 132 1.19 -18.03 5.16
CA TYR B 132 1.53 -18.70 3.92
C TYR B 132 0.90 -18.05 2.69
N GLN B 133 1.50 -18.30 1.53
CA GLN B 133 1.00 -17.74 0.27
C GLN B 133 0.94 -16.22 0.25
N ASN B 134 2.13 -15.64 0.35
CA ASN B 134 2.29 -14.19 0.30
C ASN B 134 3.53 -13.87 -0.51
N GLN B 135 3.98 -12.62 -0.49
CA GLN B 135 5.17 -12.22 -1.24
C GLN B 135 6.28 -11.78 -0.31
N LEU B 136 6.34 -12.41 0.85
CA LEU B 136 7.35 -12.07 1.83
C LEU B 136 8.72 -12.61 1.46
N LYS B 137 9.70 -11.71 1.34
CA LYS B 137 11.07 -12.12 1.06
C LYS B 137 11.81 -12.23 2.38
N SER B 138 11.29 -11.54 3.39
CA SER B 138 11.90 -11.55 4.71
C SER B 138 10.89 -11.11 5.74
N VAL B 139 11.25 -11.25 7.00
CA VAL B 139 10.43 -10.79 8.12
C VAL B 139 11.35 -9.91 8.93
N PRO B 140 10.79 -8.98 9.72
CA PRO B 140 11.63 -8.11 10.54
C PRO B 140 12.36 -8.95 11.60
N ASP B 141 13.59 -8.58 11.93
CA ASP B 141 14.31 -9.32 12.96
C ASP B 141 13.51 -9.27 14.27
N GLY B 142 13.33 -10.43 14.89
CA GLY B 142 12.60 -10.52 16.15
C GLY B 142 11.10 -10.35 16.07
N VAL B 143 10.54 -10.39 14.86
CA VAL B 143 9.11 -10.17 14.72
C VAL B 143 8.23 -11.14 15.52
N PHE B 144 8.75 -12.33 15.84
CA PHE B 144 7.97 -13.31 16.60
C PHE B 144 8.36 -13.35 18.09
N ASP B 145 9.25 -12.46 18.51
CA ASP B 145 9.73 -12.42 19.90
C ASP B 145 8.69 -12.52 21.00
N ARG B 146 7.60 -11.77 20.85
CA ARG B 146 6.54 -11.72 21.85
C ARG B 146 5.56 -12.89 21.86
N LEU B 147 5.57 -13.69 20.79
CA LEU B 147 4.62 -14.80 20.66
C LEU B 147 5.08 -16.05 21.41
N THR B 148 5.30 -15.89 22.71
CA THR B 148 5.80 -16.98 23.54
C THR B 148 4.87 -18.14 23.80
N SER B 149 3.65 -18.06 23.28
CA SER B 149 2.68 -19.14 23.44
C SER B 149 2.17 -19.62 22.08
N LEU B 150 2.84 -19.21 21.02
CA LEU B 150 2.44 -19.62 19.68
C LEU B 150 2.55 -21.14 19.54
N GLN B 151 1.48 -21.76 19.04
CA GLN B 151 1.47 -23.21 18.83
C GLN B 151 1.54 -23.60 17.35
N TYR B 152 1.05 -22.74 16.46
CA TYR B 152 1.05 -23.03 15.04
C TYR B 152 1.40 -21.82 14.19
N ILE B 153 2.32 -21.99 13.25
CA ILE B 153 2.68 -20.94 12.32
C ILE B 153 2.77 -21.57 10.94
N TRP B 154 2.37 -20.83 9.92
CA TRP B 154 2.37 -21.28 8.52
C TRP B 154 3.21 -20.28 7.75
N LEU B 155 4.27 -20.74 7.10
CA LEU B 155 5.20 -19.86 6.41
C LEU B 155 5.49 -20.22 4.96
N HIS B 156 4.90 -21.32 4.49
CA HIS B 156 5.16 -21.76 3.14
C HIS B 156 4.60 -20.88 2.04
N ASP B 157 5.04 -21.15 0.82
CA ASP B 157 4.62 -20.38 -0.33
C ASP B 157 4.90 -18.87 -0.23
N ASN B 158 6.12 -18.57 0.18
CA ASN B 158 6.62 -17.19 0.21
C ASN B 158 8.00 -17.25 -0.47
N PRO B 159 8.34 -16.18 -1.21
CA PRO B 159 9.62 -16.07 -1.94
C PRO B 159 10.77 -15.70 -1.01
N TRP B 160 10.97 -16.52 0.03
CA TRP B 160 12.02 -16.21 1.00
C TRP B 160 13.40 -15.98 0.38
N ASP B 161 14.02 -14.87 0.76
CA ASP B 161 15.36 -14.53 0.30
C ASP B 161 16.31 -15.12 1.33
N CYS B 162 17.00 -16.19 0.95
CA CYS B 162 17.90 -16.88 1.87
C CYS B 162 19.35 -16.41 1.89
N THR B 163 19.58 -15.20 1.44
CA THR B 163 20.92 -14.65 1.46
C THR B 163 21.29 -14.34 2.91
N CYS B 164 22.53 -14.62 3.28
CA CYS B 164 23.00 -14.34 4.64
C CYS B 164 23.64 -12.96 4.64
N PRO B 165 23.60 -12.25 5.78
CA PRO B 165 23.03 -12.62 7.09
C PRO B 165 21.54 -12.34 7.25
N GLY B 166 20.91 -11.75 6.23
CA GLY B 166 19.49 -11.42 6.37
C GLY B 166 18.55 -12.52 6.83
N ILE B 167 18.74 -13.72 6.31
CA ILE B 167 17.89 -14.84 6.65
C ILE B 167 18.17 -15.45 8.01
N ARG B 168 19.21 -14.99 8.71
CA ARG B 168 19.56 -15.60 9.99
C ARG B 168 18.46 -15.70 11.04
N TYR B 169 17.75 -14.60 11.28
CA TYR B 169 16.69 -14.65 12.29
C TYR B 169 15.63 -15.69 11.98
N LEU B 170 15.11 -15.69 10.76
CA LEU B 170 14.06 -16.64 10.41
C LEU B 170 14.55 -18.07 10.41
N SER B 171 15.74 -18.32 9.88
CA SER B 171 16.27 -19.67 9.88
C SER B 171 16.47 -20.14 11.32
N GLU B 172 17.08 -19.29 12.15
CA GLU B 172 17.31 -19.69 13.53
C GLU B 172 15.99 -19.87 14.29
N TRP B 173 14.99 -19.04 13.98
CA TRP B 173 13.71 -19.14 14.65
C TRP B 173 13.06 -20.48 14.31
N ILE B 174 13.09 -20.85 13.03
CA ILE B 174 12.49 -22.11 12.65
C ILE B 174 13.24 -23.27 13.31
N ASN B 175 14.56 -23.18 13.34
CA ASN B 175 15.36 -24.24 13.94
C ASN B 175 15.08 -24.42 15.43
N LYS B 176 14.65 -23.35 16.09
CA LYS B 176 14.34 -23.41 17.52
C LYS B 176 12.86 -23.68 17.81
N HIS B 177 12.03 -23.72 16.77
CA HIS B 177 10.59 -23.95 16.92
C HIS B 177 10.13 -24.96 15.86
N SER B 178 10.88 -26.04 15.72
CA SER B 178 10.61 -27.07 14.72
C SER B 178 9.20 -27.66 14.76
N GLY B 179 8.60 -27.77 15.94
CA GLY B 179 7.27 -28.34 16.03
C GLY B 179 6.12 -27.37 15.85
N VAL B 180 6.45 -26.10 15.66
CA VAL B 180 5.43 -25.06 15.49
C VAL B 180 4.99 -24.83 14.04
N VAL B 181 5.91 -25.07 13.10
CA VAL B 181 5.64 -24.84 11.68
C VAL B 181 4.77 -25.91 11.07
N ARG B 182 3.70 -25.48 10.38
CA ARG B 182 2.75 -26.38 9.74
C ARG B 182 2.68 -26.15 8.24
N ASN B 183 2.37 -27.21 7.50
CA ASN B 183 2.28 -27.11 6.05
C ASN B 183 0.83 -27.04 5.58
N SER B 184 0.64 -27.05 4.26
CA SER B 184 -0.69 -26.98 3.67
C SER B 184 -1.61 -28.06 4.24
N ALA B 185 -1.07 -29.28 4.37
CA ALA B 185 -1.83 -30.41 4.87
C ALA B 185 -2.21 -30.27 6.35
N GLY B 186 -1.54 -29.37 7.06
CA GLY B 186 -1.84 -29.20 8.47
C GLY B 186 -0.90 -29.97 9.35
N SER B 187 0.11 -30.58 8.75
CA SER B 187 1.06 -31.36 9.53
C SER B 187 2.30 -30.57 9.90
N VAL B 188 3.01 -31.06 10.91
CA VAL B 188 4.25 -30.44 11.35
C VAL B 188 5.21 -30.60 10.19
N ALA B 189 5.67 -29.47 9.63
CA ALA B 189 6.56 -29.48 8.48
C ALA B 189 7.53 -28.31 8.54
N PRO B 190 8.58 -28.41 9.35
CA PRO B 190 9.54 -27.32 9.46
C PRO B 190 10.32 -26.98 8.19
N ASP B 191 10.35 -27.89 7.21
CA ASP B 191 11.05 -27.62 5.97
C ASP B 191 10.15 -27.01 4.90
N SER B 192 8.91 -26.70 5.28
CA SER B 192 7.96 -26.15 4.31
C SER B 192 8.26 -24.74 3.82
N ALA B 193 8.98 -23.95 4.62
CA ALA B 193 9.36 -22.60 4.21
C ALA B 193 10.55 -22.84 3.28
N LYS B 194 10.42 -22.40 2.03
CA LYS B 194 11.44 -22.61 1.02
C LYS B 194 12.11 -21.38 0.47
N CYS B 195 13.41 -21.48 0.23
CA CYS B 195 14.20 -20.40 -0.33
C CYS B 195 13.92 -20.19 -1.82
N SER B 196 13.73 -18.94 -2.22
CA SER B 196 13.54 -18.63 -3.62
C SER B 196 14.87 -18.96 -4.30
N GLY B 197 14.82 -19.40 -5.56
CA GLY B 197 16.04 -19.72 -6.26
C GLY B 197 16.52 -21.15 -6.07
N SER B 198 17.08 -21.43 -4.90
CA SER B 198 17.60 -22.76 -4.63
C SER B 198 16.51 -23.77 -4.30
N GLY B 199 15.42 -23.32 -3.68
CA GLY B 199 14.36 -24.23 -3.31
C GLY B 199 14.65 -24.99 -2.02
N LYS B 200 15.80 -24.72 -1.41
CA LYS B 200 16.17 -25.37 -0.17
C LYS B 200 15.34 -24.85 0.99
N PRO B 201 15.14 -25.67 2.03
CA PRO B 201 14.36 -25.19 3.17
C PRO B 201 15.07 -24.01 3.83
N VAL B 202 14.30 -23.01 4.25
CA VAL B 202 14.89 -21.85 4.94
C VAL B 202 15.73 -22.31 6.14
N ARG B 203 15.23 -23.30 6.90
CA ARG B 203 15.95 -23.74 8.08
C ARG B 203 17.24 -24.49 7.80
N SER B 204 17.50 -24.82 6.54
CA SER B 204 18.74 -25.50 6.18
C SER B 204 19.87 -24.49 5.96
N ILE B 205 19.51 -23.21 5.96
CA ILE B 205 20.50 -22.17 5.74
C ILE B 205 21.14 -21.78 7.07
N ILE B 206 22.40 -22.17 7.22
CA ILE B 206 23.15 -21.88 8.43
C ILE B 206 24.14 -20.79 8.05
N CYS B 207 23.82 -19.55 8.40
CA CYS B 207 24.68 -18.43 8.05
C CYS B 207 26.03 -18.45 8.77
N PRO B 208 27.11 -18.13 8.04
CA PRO B 208 28.46 -18.12 8.64
C PRO B 208 28.66 -16.95 9.60
#